data_2VQ9
#
_entry.id   2VQ9
#
_cell.length_a   43.168
_cell.length_b   60.964
_cell.length_c   115.229
_cell.angle_alpha   90.00
_cell.angle_beta   90.00
_cell.angle_gamma   90.00
#
_symmetry.space_group_name_H-M   'I 2 2 2'
#
loop_
_entity.id
_entity.type
_entity.pdbx_description
1 polymer 'RNASE 1'
2 non-polymer 'CHLORIDE ION'
3 water water
#
_entity_poly.entity_id   1
_entity_poly.type   'polypeptide(L)'
_entity_poly.pdbx_seq_one_letter_code
;MGSSHHHHHHSSGLVPRGSHMQPAEIRRRYEHFLTQHVYGGITEQTCDRVMRQRRITRFPTGNDCKEVNTFIQANGNHVR
TVCTGGGTRQTDNRDLYMSNDQFTVITCTLRSGERHPNCRYRGKESSRKIVVACEGEWPAHYERGVIV
;
_entity_poly.pdbx_strand_id   A
#
loop_
_chem_comp.id
_chem_comp.type
_chem_comp.name
_chem_comp.formula
CL non-polymer 'CHLORIDE ION' 'Cl -1'
#
# COMPACT_ATOMS: atom_id res chain seq x y z
N ILE A 26 0.33 -5.91 16.05
CA ILE A 26 1.29 -4.77 16.04
C ILE A 26 2.47 -5.06 15.12
N ARG A 27 3.24 -6.10 15.43
CA ARG A 27 4.32 -6.57 14.53
C ARG A 27 3.68 -7.28 13.33
N ARG A 28 2.57 -7.98 13.60
CA ARG A 28 1.78 -8.62 12.56
C ARG A 28 1.01 -7.57 11.73
N ARG A 29 0.60 -6.46 12.35
CA ARG A 29 -0.04 -5.35 11.62
C ARG A 29 0.95 -4.64 10.67
N TYR A 30 2.18 -4.44 11.16
CA TYR A 30 3.27 -3.90 10.34
C TYR A 30 3.56 -4.82 9.14
N GLU A 31 3.69 -6.11 9.42
CA GLU A 31 3.99 -7.10 8.38
C GLU A 31 2.87 -7.19 7.36
N HIS A 32 1.63 -7.01 7.82
CA HIS A 32 0.48 -7.00 6.94
C HIS A 32 0.57 -5.80 6.01
N PHE A 33 0.86 -4.63 6.58
CA PHE A 33 1.07 -3.40 5.81
C PHE A 33 2.15 -3.57 4.75
N LEU A 34 3.31 -4.13 5.13
CA LEU A 34 4.36 -4.38 4.14
C LEU A 34 3.84 -5.27 3.02
N THR A 35 3.13 -6.33 3.36
CA THR A 35 2.63 -7.28 2.35
C THR A 35 1.69 -6.59 1.38
N GLN A 36 0.76 -5.80 1.91
CA GLN A 36 -0.25 -5.20 1.08
C GLN A 36 0.25 -4.00 0.30
N HIS A 37 1.19 -3.24 0.87
CA HIS A 37 1.41 -1.88 0.37
C HIS A 37 2.86 -1.50 0.03
N VAL A 38 3.82 -2.41 0.23
CA VAL A 38 5.22 -2.03 0.01
C VAL A 38 5.89 -2.98 -0.96
N TYR A 39 6.28 -2.48 -2.13
CA TYR A 39 6.95 -3.32 -3.16
C TYR A 39 7.78 -2.45 -4.09
N GLY A 40 9.09 -2.37 -3.82
CA GLY A 40 9.98 -1.53 -4.64
C GLY A 40 10.05 -1.91 -6.11
N GLY A 41 9.74 -3.15 -6.44
CA GLY A 41 9.80 -3.62 -7.82
C GLY A 41 8.53 -3.53 -8.63
N ILE A 42 7.48 -2.92 -8.06
CA ILE A 42 6.17 -2.83 -8.74
C ILE A 42 6.30 -2.04 -10.05
N THR A 43 5.59 -2.51 -11.09
CA THR A 43 5.39 -1.71 -12.30
C THR A 43 3.90 -1.72 -12.60
N GLU A 44 3.46 -0.86 -13.51
CA GLU A 44 2.07 -0.89 -14.00
C GLU A 44 1.63 -2.23 -14.58
N GLN A 45 2.58 -2.97 -15.18
CA GLN A 45 2.29 -4.23 -15.87
C GLN A 45 2.47 -5.49 -14.99
N THR A 46 2.86 -5.30 -13.73
CA THR A 46 3.12 -6.47 -12.88
C THR A 46 2.24 -6.58 -11.62
N CYS A 47 1.12 -5.88 -11.61
CA CYS A 47 0.15 -6.10 -10.55
C CYS A 47 -0.22 -7.57 -10.36
N ASP A 48 -0.48 -8.31 -11.46
CA ASP A 48 -1.11 -9.62 -11.33
C ASP A 48 -0.23 -10.61 -10.58
N ARG A 49 1.05 -10.66 -10.93
CA ARG A 49 1.98 -11.59 -10.27
C ARG A 49 2.05 -11.35 -8.78
N VAL A 50 2.26 -10.10 -8.39
CA VAL A 50 2.45 -9.79 -6.97
C VAL A 50 1.17 -9.92 -6.16
N MET A 51 0.04 -9.47 -6.71
CA MET A 51 -1.24 -9.66 -6.01
C MET A 51 -1.53 -11.14 -5.74
N ARG A 52 -1.18 -12.00 -6.69
CA ARG A 52 -1.39 -13.45 -6.56
C ARG A 52 -0.40 -14.09 -5.59
N GLN A 53 0.86 -13.78 -5.79
CA GLN A 53 1.93 -14.38 -5.01
C GLN A 53 1.83 -14.02 -3.53
N ARG A 54 1.52 -12.75 -3.26
CA ARG A 54 1.30 -12.28 -1.87
C ARG A 54 -0.06 -12.63 -1.34
N ARG A 55 -0.90 -13.19 -2.20
CA ARG A 55 -2.29 -13.58 -1.84
C ARG A 55 -3.07 -12.42 -1.19
N ILE A 56 -3.08 -11.29 -1.86
CA ILE A 56 -3.75 -10.11 -1.33
C ILE A 56 -5.23 -10.24 -1.66
N THR A 57 -6.07 -10.18 -0.62
CA THR A 57 -7.47 -10.53 -0.72
C THR A 57 -8.41 -9.42 -0.24
N ARG A 58 -9.67 -9.51 -0.66
CA ARG A 58 -10.72 -8.58 -0.28
C ARG A 58 -10.97 -8.56 1.23
N PHE A 59 -11.08 -9.75 1.81
CA PHE A 59 -11.38 -9.92 3.23
C PHE A 59 -10.18 -10.54 3.97
N PRO A 60 -10.15 -10.44 5.31
CA PRO A 60 -9.05 -11.00 6.08
C PRO A 60 -8.88 -12.51 5.92
N THR A 61 -9.95 -13.21 5.55
CA THR A 61 -9.89 -14.63 5.19
C THR A 61 -10.51 -14.92 3.81
N GLY A 62 -10.37 -16.14 3.33
CA GLY A 62 -10.91 -16.49 2.03
C GLY A 62 -9.98 -16.09 0.91
N ASN A 63 -10.54 -16.13 -0.29
CA ASN A 63 -9.78 -16.18 -1.49
C ASN A 63 -10.11 -15.08 -2.52
N ASP A 64 -10.85 -14.07 -2.08
CA ASP A 64 -11.47 -13.12 -3.00
C ASP A 64 -10.47 -12.06 -3.47
N CYS A 65 -10.53 -11.70 -4.75
CA CYS A 65 -9.67 -10.64 -5.31
C CYS A 65 -9.98 -9.30 -4.64
N LYS A 66 -8.95 -8.63 -4.12
CA LYS A 66 -9.07 -7.25 -3.63
C LYS A 66 -9.30 -6.38 -4.86
N GLU A 67 -10.22 -5.42 -4.74
CA GLU A 67 -10.66 -4.62 -5.90
C GLU A 67 -9.65 -3.57 -6.27
N VAL A 68 -9.13 -2.88 -5.27
CA VAL A 68 -8.14 -1.84 -5.49
C VAL A 68 -7.05 -1.96 -4.46
N ASN A 69 -5.81 -1.90 -4.93
CA ASN A 69 -4.68 -2.05 -4.01
C ASN A 69 -3.50 -1.24 -4.45
N THR A 70 -2.93 -0.47 -3.55
CA THR A 70 -1.84 0.42 -3.92
C THR A 70 -0.52 -0.08 -3.36
N PHE A 71 0.48 -0.18 -4.24
CA PHE A 71 1.85 -0.49 -3.80
C PHE A 71 2.72 0.75 -3.83
N ILE A 72 3.42 0.99 -2.72
CA ILE A 72 4.42 2.04 -2.71
C ILE A 72 5.71 1.45 -3.27
N GLN A 73 6.28 2.14 -4.26
CA GLN A 73 7.51 1.69 -4.92
C GLN A 73 8.72 2.15 -4.12
N ALA A 74 8.94 1.49 -2.98
CA ALA A 74 10.03 1.78 -2.04
C ALA A 74 10.26 0.57 -1.13
N ASN A 75 11.35 0.60 -0.36
CA ASN A 75 11.64 -0.45 0.60
C ASN A 75 10.98 -0.17 1.96
N GLY A 76 10.75 -1.22 2.75
CA GLY A 76 10.04 -1.14 4.02
C GLY A 76 10.61 -0.18 5.04
N ASN A 77 11.92 -0.25 5.27
CA ASN A 77 12.59 0.67 6.17
C ASN A 77 12.45 2.12 5.74
N HIS A 78 12.44 2.35 4.42
CA HIS A 78 12.21 3.70 3.87
C HIS A 78 10.78 4.16 4.17
N VAL A 79 9.79 3.32 3.85
CA VAL A 79 8.39 3.69 4.16
C VAL A 79 8.18 3.95 5.66
N ARG A 80 8.79 3.13 6.51
CA ARG A 80 8.71 3.34 7.97
C ARG A 80 9.03 4.75 8.46
N THR A 81 9.94 5.42 7.76
CA THR A 81 10.39 6.75 8.19
C THR A 81 9.29 7.79 8.17
N VAL A 82 8.18 7.49 7.49
CA VAL A 82 7.04 8.39 7.50
C VAL A 82 6.48 8.49 8.92
N CYS A 83 6.67 7.44 9.72
CA CYS A 83 6.20 7.39 11.11
C CYS A 83 7.21 7.88 12.16
N THR A 84 8.45 8.12 11.74
CA THR A 84 9.49 8.50 12.71
C THR A 84 10.22 9.81 12.35
N GLY A 85 9.48 10.80 11.87
CA GLY A 85 10.06 12.12 11.56
C GLY A 85 9.92 12.55 10.11
N GLY A 86 9.63 11.58 9.25
CA GLY A 86 9.54 11.83 7.82
C GLY A 86 8.14 12.17 7.35
N GLY A 87 7.24 12.41 8.31
CA GLY A 87 5.87 12.78 8.00
C GLY A 87 5.29 13.83 8.92
N THR A 88 4.11 14.33 8.52
CA THR A 88 3.36 15.38 9.20
C THR A 88 2.04 14.78 9.73
N ARG A 89 1.82 14.85 11.04
CA ARG A 89 0.54 14.45 11.62
C ARG A 89 -0.60 15.32 11.07
N GLN A 90 -1.77 14.73 10.81
CA GLN A 90 -2.75 15.32 9.85
C GLN A 90 -3.47 16.69 10.03
N THR A 91 -4.22 16.96 11.10
CA THR A 91 -4.68 16.05 12.15
C THR A 91 -5.86 16.84 12.76
N ASP A 92 -7.12 16.66 12.35
CA ASP A 92 -7.71 15.65 11.44
C ASP A 92 -7.88 14.26 12.08
N ASN A 93 -6.91 13.39 11.85
CA ASN A 93 -6.81 12.09 12.50
C ASN A 93 -5.36 11.98 12.96
N ARG A 94 -5.16 12.08 14.27
CA ARG A 94 -3.83 12.15 14.85
C ARG A 94 -2.97 10.92 14.58
N ASP A 95 -3.60 9.81 14.19
CA ASP A 95 -2.86 8.59 13.86
C ASP A 95 -2.28 8.61 12.43
N LEU A 96 -2.80 9.50 11.58
CA LEU A 96 -2.38 9.61 10.18
C LEU A 96 -1.22 10.56 9.98
N TYR A 97 -0.22 10.11 9.22
CA TYR A 97 0.94 10.90 8.84
C TYR A 97 1.09 11.01 7.34
N MET A 98 1.23 12.23 6.84
CA MET A 98 1.50 12.46 5.42
C MET A 98 3.00 12.58 5.18
N SER A 99 3.54 11.86 4.19
CA SER A 99 4.96 11.93 3.93
C SER A 99 5.38 13.36 3.49
N ASN A 100 6.57 13.76 3.90
CA ASN A 100 7.18 15.00 3.39
C ASN A 100 7.74 14.87 1.97
N ASP A 101 8.27 13.69 1.59
CA ASP A 101 8.74 13.48 0.21
C ASP A 101 7.64 12.84 -0.63
N GLN A 102 7.75 12.99 -1.95
CA GLN A 102 6.93 12.26 -2.89
C GLN A 102 7.45 10.83 -2.95
N PHE A 103 6.51 9.88 -3.11
CA PHE A 103 6.83 8.49 -3.42
C PHE A 103 6.11 8.14 -4.73
N THR A 104 6.68 7.23 -5.50
CA THR A 104 5.98 6.65 -6.61
C THR A 104 5.09 5.52 -6.07
N VAL A 105 3.81 5.61 -6.41
CA VAL A 105 2.88 4.52 -6.11
C VAL A 105 2.28 3.93 -7.39
N ILE A 106 1.97 2.65 -7.35
CA ILE A 106 1.23 2.00 -8.44
C ILE A 106 -0.08 1.48 -7.87
N THR A 107 -1.17 1.94 -8.44
CA THR A 107 -2.51 1.53 -8.01
C THR A 107 -2.99 0.42 -8.95
N CYS A 108 -3.29 -0.73 -8.38
CA CYS A 108 -3.76 -1.92 -9.09
C CYS A 108 -5.28 -2.04 -8.91
N THR A 109 -6.00 -1.95 -10.02
CA THR A 109 -7.46 -1.95 -9.99
C THR A 109 -7.95 -3.17 -10.74
N LEU A 110 -8.82 -3.94 -10.11
CA LEU A 110 -9.27 -5.22 -10.66
C LEU A 110 -10.09 -5.08 -11.97
N ARG A 111 -9.63 -5.77 -13.00
CA ARG A 111 -10.18 -5.73 -14.37
C ARG A 111 -11.07 -6.95 -14.58
N SER A 112 -10.68 -8.08 -13.99
CA SER A 112 -11.48 -9.31 -14.05
C SER A 112 -11.06 -10.32 -13.00
N GLY A 113 -11.88 -11.33 -12.78
CA GLY A 113 -11.62 -12.38 -11.79
C GLY A 113 -12.28 -12.11 -10.48
N GLU A 114 -12.68 -13.18 -9.79
CA GLU A 114 -13.35 -13.08 -8.51
C GLU A 114 -12.50 -13.69 -7.40
N ARG A 115 -11.75 -14.74 -7.74
CA ARG A 115 -10.90 -15.38 -6.73
C ARG A 115 -9.51 -15.66 -7.28
N HIS A 116 -8.49 -15.70 -6.41
CA HIS A 116 -7.18 -16.14 -6.86
C HIS A 116 -7.33 -17.58 -7.36
N PRO A 117 -6.57 -17.98 -8.39
CA PRO A 117 -5.48 -17.29 -9.06
C PRO A 117 -5.92 -16.52 -10.30
N ASN A 118 -7.19 -16.09 -10.33
CA ASN A 118 -7.74 -15.45 -11.53
C ASN A 118 -7.85 -13.94 -11.46
N CYS A 119 -7.21 -13.32 -10.47
CA CYS A 119 -7.30 -11.85 -10.30
C CYS A 119 -6.42 -11.15 -11.36
N ARG A 120 -7.06 -10.31 -12.18
CA ARG A 120 -6.37 -9.54 -13.21
C ARG A 120 -6.61 -8.05 -13.00
N TYR A 121 -5.52 -7.28 -13.10
CA TYR A 121 -5.50 -5.87 -12.68
C TYR A 121 -5.00 -4.97 -13.79
N ARG A 122 -5.44 -3.72 -13.80
CA ARG A 122 -4.64 -2.72 -14.52
C ARG A 122 -3.88 -1.90 -13.51
N GLY A 123 -2.65 -1.56 -13.85
CA GLY A 123 -1.83 -0.72 -12.97
C GLY A 123 -1.65 0.71 -13.45
N LYS A 124 -1.61 1.63 -12.50
CA LYS A 124 -1.43 3.03 -12.85
C LYS A 124 -0.45 3.69 -11.87
N GLU A 125 0.64 4.23 -12.42
CA GLU A 125 1.64 4.91 -11.63
C GLU A 125 1.25 6.36 -11.41
N SER A 126 1.55 6.88 -10.22
CA SER A 126 1.48 8.31 -9.95
C SER A 126 2.53 8.67 -8.89
N SER A 127 2.82 9.97 -8.76
CA SER A 127 3.80 10.43 -7.77
C SER A 127 3.04 11.21 -6.72
N ARG A 128 3.11 10.75 -5.47
CA ARG A 128 2.25 11.36 -4.44
C ARG A 128 2.95 11.45 -3.11
N LYS A 129 2.48 12.33 -2.24
CA LYS A 129 2.80 12.17 -0.82
C LYS A 129 1.86 11.11 -0.26
N ILE A 130 2.43 10.20 0.53
CA ILE A 130 1.63 9.08 1.01
C ILE A 130 1.16 9.40 2.42
N VAL A 131 -0.05 8.94 2.73
CA VAL A 131 -0.65 9.10 4.03
C VAL A 131 -0.80 7.70 4.63
N VAL A 132 -0.13 7.50 5.75
CA VAL A 132 -0.11 6.21 6.44
C VAL A 132 -0.61 6.41 7.87
N ALA A 133 -1.34 5.43 8.40
CA ALA A 133 -1.58 5.33 9.84
C ALA A 133 -0.39 4.68 10.50
N CYS A 134 0.06 5.32 11.56
CA CYS A 134 1.23 4.88 12.31
C CYS A 134 0.77 4.46 13.68
N GLU A 135 1.19 3.27 14.09
CA GLU A 135 0.96 2.80 15.44
C GLU A 135 2.31 2.89 16.10
N GLY A 136 2.52 3.99 16.80
CA GLY A 136 3.85 4.36 17.25
C GLY A 136 4.75 4.57 16.04
N GLU A 137 5.86 3.86 16.02
CA GLU A 137 6.87 3.99 14.98
C GLU A 137 6.61 3.10 13.75
N TRP A 138 5.50 2.38 13.76
CA TRP A 138 5.25 1.35 12.75
C TRP A 138 4.05 1.69 11.88
N PRO A 139 4.25 1.71 10.53
CA PRO A 139 3.12 1.88 9.62
C PRO A 139 2.16 0.70 9.71
N ALA A 140 0.86 1.01 9.75
CA ALA A 140 -0.16 0.00 9.94
C ALA A 140 -1.19 -0.05 8.80
N HIS A 141 -1.43 1.07 8.12
CA HIS A 141 -2.47 1.18 7.11
C HIS A 141 -2.07 2.22 6.08
N TYR A 142 -2.39 1.93 4.82
CA TYR A 142 -2.25 2.92 3.74
C TYR A 142 -3.60 3.61 3.60
N GLU A 143 -3.61 4.89 3.95
CA GLU A 143 -4.87 5.63 3.99
C GLU A 143 -5.14 6.13 2.58
N ARG A 144 -4.19 6.87 2.02
CA ARG A 144 -4.34 7.42 0.70
C ARG A 144 -3.05 8.04 0.19
N GLY A 145 -3.06 8.44 -1.07
CA GLY A 145 -1.96 9.21 -1.61
C GLY A 145 -2.55 10.47 -2.18
N VAL A 146 -1.88 11.59 -1.91
CA VAL A 146 -2.34 12.90 -2.39
C VAL A 146 -1.34 13.54 -3.34
N ILE A 147 -1.84 14.44 -4.18
CA ILE A 147 -0.97 15.26 -5.00
C ILE A 147 -1.18 16.73 -4.66
N VAL A 148 -0.08 17.34 -4.22
CA VAL A 148 0.20 18.79 -4.31
C VAL A 148 -0.96 19.73 -3.96
CL CL B . -4.96 0.64 -1.36
CL CL C . -12.56 -16.30 -10.40
#